data_4GK6
#
_entry.id   4GK6
#
_cell.length_a   98.260
_cell.length_b   98.260
_cell.length_c   98.260
_cell.angle_alpha   90.000
_cell.angle_beta   90.000
_cell.angle_gamma   90.000
#
_symmetry.space_group_name_H-M   'I 2 3'
#
loop_
_entity.id
_entity.type
_entity.pdbx_description
1 polymer "Deoxyuridine 5'-triphosphate nucleotidohydrolase"
2 non-polymer 'CHLORIDE ION'
3 water water
#
_entity_poly.entity_id   1
_entity_poly.type   'polypeptide(L)'
_entity_poly.pdbx_seq_one_letter_code
;GPGSMLAIVRLDRELPLPSRAHADDAGVDLYSAEDVVIEPGRRTLVGTGIAVAIPSGMVGLVHPRSGLAARVGLSIVNSP
GTIDAGYRGEVKVNLINLDSEVPIVIARGDRIAQLLVQQVELPELVEVDSFDEAGLAV
;
_entity_poly.pdbx_strand_id   A
#
# COMPACT_ATOMS: atom_id res chain seq x y z
N GLY A 3 -11.02 -2.08 20.86
CA GLY A 3 -10.31 -2.13 19.55
C GLY A 3 -11.02 -1.31 18.48
N SER A 4 -10.56 -1.44 17.25
CA SER A 4 -11.09 -0.65 16.14
C SER A 4 -11.32 -1.52 14.92
N MET A 5 -11.98 -0.96 13.91
CA MET A 5 -12.31 -1.70 12.70
CA MET A 5 -12.31 -1.71 12.68
C MET A 5 -12.00 -0.94 11.41
N LEU A 6 -11.80 -1.68 10.34
CA LEU A 6 -11.59 -1.09 9.02
C LEU A 6 -12.53 -1.83 8.07
N ALA A 7 -13.46 -1.10 7.47
CA ALA A 7 -14.38 -1.65 6.47
C ALA A 7 -13.64 -1.93 5.14
N ILE A 8 -13.87 -3.14 4.61
CA ILE A 8 -13.26 -3.59 3.38
C ILE A 8 -14.33 -4.23 2.47
N VAL A 9 -14.27 -3.87 1.20
CA VAL A 9 -15.10 -4.46 0.13
C VAL A 9 -14.22 -5.37 -0.73
N ARG A 10 -14.66 -6.60 -0.91
CA ARG A 10 -14.08 -7.50 -1.91
C ARG A 10 -14.77 -7.24 -3.24
N LEU A 11 -14.14 -6.42 -4.06
CA LEU A 11 -14.60 -6.16 -5.42
C LEU A 11 -14.50 -7.46 -6.22
N ASP A 12 -13.43 -8.21 -5.97
CA ASP A 12 -13.23 -9.56 -6.50
C ASP A 12 -13.59 -10.57 -5.43
N ARG A 13 -14.80 -11.11 -5.52
CA ARG A 13 -15.33 -11.95 -4.48
C ARG A 13 -14.66 -13.33 -4.41
N GLU A 14 -13.87 -13.68 -5.42
CA GLU A 14 -13.19 -14.97 -5.46
C GLU A 14 -11.81 -14.96 -4.81
N LEU A 15 -11.34 -13.81 -4.35
CA LEU A 15 -10.10 -13.76 -3.57
C LEU A 15 -10.40 -13.88 -2.09
N PRO A 16 -9.42 -14.35 -1.30
CA PRO A 16 -9.70 -14.44 0.12
C PRO A 16 -9.72 -13.06 0.77
N LEU A 17 -10.46 -12.92 1.86
CA LEU A 17 -10.55 -11.66 2.60
C LEU A 17 -9.22 -11.41 3.31
N PRO A 18 -8.60 -10.23 3.09
CA PRO A 18 -7.39 -9.92 3.83
C PRO A 18 -7.67 -9.86 5.33
N SER A 19 -6.69 -10.25 6.12
CA SER A 19 -6.84 -10.28 7.58
CA SER A 19 -6.84 -10.27 7.57
C SER A 19 -5.50 -10.09 8.27
N ARG A 20 -5.54 -9.56 9.49
CA ARG A 20 -4.33 -9.39 10.30
C ARG A 20 -4.02 -10.75 10.92
N ALA A 21 -2.89 -11.33 10.50
CA ALA A 21 -2.50 -12.70 10.86
C ALA A 21 -2.24 -12.87 12.36
N HIS A 22 -1.58 -11.88 12.94
CA HIS A 22 -1.32 -11.85 14.38
C HIS A 22 -1.69 -10.48 14.89
N ALA A 23 -2.09 -10.44 16.16
CA ALA A 23 -2.61 -9.24 16.77
C ALA A 23 -1.66 -8.04 16.71
N ASP A 24 -0.37 -8.30 16.78
CA ASP A 24 0.64 -7.24 16.82
C ASP A 24 1.13 -6.81 15.42
N ASP A 25 0.72 -7.55 14.39
CA ASP A 25 1.23 -7.31 13.03
C ASP A 25 0.82 -5.90 12.60
N ALA A 26 1.81 -5.08 12.20
CA ALA A 26 1.49 -3.73 11.71
C ALA A 26 0.70 -3.80 10.42
N GLY A 27 1.04 -4.75 9.56
CA GLY A 27 0.47 -4.80 8.22
C GLY A 27 -0.48 -5.97 7.97
N VAL A 28 -1.37 -5.78 7.01
CA VAL A 28 -2.26 -6.83 6.49
C VAL A 28 -1.89 -7.09 5.03
N ASP A 29 -1.64 -8.35 4.68
CA ASP A 29 -1.28 -8.68 3.32
C ASP A 29 -2.45 -8.50 2.37
N LEU A 30 -2.16 -7.92 1.21
CA LEU A 30 -3.08 -7.80 0.08
C LEU A 30 -2.63 -8.73 -1.04
N TYR A 31 -3.62 -9.22 -1.79
CA TYR A 31 -3.43 -10.24 -2.81
C TYR A 31 -3.57 -9.65 -4.21
N SER A 32 -2.94 -10.31 -5.18
CA SER A 32 -3.06 -9.98 -6.59
C SER A 32 -4.38 -10.53 -7.15
N ALA A 33 -5.15 -9.67 -7.80
CA ALA A 33 -6.33 -10.11 -8.59
C ALA A 33 -5.92 -10.67 -9.96
N GLU A 34 -4.64 -10.54 -10.30
CA GLU A 34 -4.17 -10.86 -11.66
C GLU A 34 -3.03 -11.91 -11.69
N ASP A 35 -2.98 -12.69 -12.77
CA ASP A 35 -1.80 -13.45 -13.15
C ASP A 35 -0.98 -12.54 -14.04
N VAL A 36 0.27 -12.25 -13.65
CA VAL A 36 1.15 -11.43 -14.47
CA VAL A 36 1.16 -11.42 -14.45
C VAL A 36 2.61 -11.86 -14.30
N VAL A 37 3.42 -11.59 -15.32
CA VAL A 37 4.83 -11.84 -15.26
C VAL A 37 5.47 -10.47 -15.46
N ILE A 38 6.30 -10.07 -14.50
CA ILE A 38 6.97 -8.81 -14.58
C ILE A 38 8.42 -9.04 -14.98
N GLU A 39 8.78 -8.60 -16.17
CA GLU A 39 10.13 -8.81 -16.70
C GLU A 39 11.13 -7.93 -15.97
N PRO A 40 12.43 -8.31 -16.00
CA PRO A 40 13.42 -7.52 -15.29
C PRO A 40 13.38 -6.03 -15.62
N GLY A 41 13.36 -5.21 -14.58
CA GLY A 41 13.34 -3.77 -14.71
C GLY A 41 12.02 -3.15 -15.15
N ARG A 42 11.00 -3.96 -15.37
CA ARG A 42 9.70 -3.48 -15.81
C ARG A 42 8.77 -3.27 -14.63
N ARG A 43 7.68 -2.54 -14.88
CA ARG A 43 6.68 -2.27 -13.85
C ARG A 43 5.29 -2.47 -14.42
N THR A 44 4.37 -2.73 -13.52
CA THR A 44 2.99 -2.84 -13.93
CA THR A 44 2.99 -3.07 -13.88
C THR A 44 2.03 -2.62 -12.77
N LEU A 45 0.92 -1.96 -13.12
CA LEU A 45 -0.09 -1.63 -12.14
C LEU A 45 -1.03 -2.83 -11.99
N VAL A 46 -1.16 -3.36 -10.78
CA VAL A 46 -1.91 -4.60 -10.52
C VAL A 46 -3.00 -4.33 -9.50
N GLY A 47 -4.23 -4.75 -9.81
CA GLY A 47 -5.33 -4.62 -8.87
C GLY A 47 -5.28 -5.65 -7.75
N THR A 48 -5.69 -5.23 -6.56
CA THR A 48 -5.79 -6.14 -5.39
C THR A 48 -7.18 -6.69 -5.21
N GLY A 49 -8.14 -6.20 -5.97
CA GLY A 49 -9.51 -6.66 -5.82
C GLY A 49 -10.23 -6.23 -4.56
N ILE A 50 -9.67 -5.29 -3.83
CA ILE A 50 -10.33 -4.75 -2.62
C ILE A 50 -10.36 -3.24 -2.63
N ALA A 51 -11.29 -2.69 -1.85
CA ALA A 51 -11.38 -1.29 -1.54
C ALA A 51 -11.52 -1.17 -0.02
N VAL A 52 -11.05 -0.07 0.52
CA VAL A 52 -11.15 0.18 1.97
C VAL A 52 -11.68 1.57 2.29
N ALA A 53 -12.25 1.72 3.47
CA ALA A 53 -12.71 3.03 3.95
C ALA A 53 -11.80 3.49 5.11
N ILE A 54 -10.67 4.11 4.74
CA ILE A 54 -9.76 4.66 5.74
C ILE A 54 -10.51 5.72 6.57
N PRO A 55 -10.45 5.63 7.91
CA PRO A 55 -11.11 6.66 8.69
C PRO A 55 -10.62 8.11 8.53
N SER A 56 -11.53 9.04 8.78
CA SER A 56 -11.18 10.45 8.84
CA SER A 56 -11.23 10.47 8.90
C SER A 56 -10.01 10.64 9.80
N GLY A 57 -9.02 11.42 9.36
CA GLY A 57 -7.86 11.69 10.18
C GLY A 57 -6.75 10.64 10.16
N MET A 58 -6.93 9.64 9.32
CA MET A 58 -5.94 8.59 9.17
C MET A 58 -5.50 8.48 7.72
N VAL A 59 -4.49 7.65 7.51
CA VAL A 59 -3.99 7.35 6.17
C VAL A 59 -3.74 5.83 6.07
N GLY A 60 -4.02 5.27 4.89
CA GLY A 60 -3.58 3.93 4.57
C GLY A 60 -2.25 3.99 3.86
N LEU A 61 -1.35 3.09 4.24
CA LEU A 61 -0.01 3.06 3.69
C LEU A 61 0.26 1.69 3.10
N VAL A 62 0.63 1.65 1.83
CA VAL A 62 0.81 0.39 1.12
C VAL A 62 2.32 0.16 0.92
N HIS A 63 2.84 -0.87 1.59
CA HIS A 63 4.29 -1.14 1.62
C HIS A 63 4.58 -2.42 0.85
N PRO A 64 5.82 -2.52 0.29
CA PRO A 64 6.28 -3.83 -0.13
C PRO A 64 6.49 -4.75 1.06
N ARG A 65 6.45 -6.05 0.79
CA ARG A 65 6.72 -7.05 1.80
C ARG A 65 8.17 -7.48 1.87
N SER A 66 8.59 -7.90 3.05
CA SER A 66 9.92 -8.46 3.24
C SER A 66 9.87 -9.95 2.90
N GLY A 67 11.01 -10.59 2.98
CA GLY A 67 11.11 -12.05 2.78
C GLY A 67 11.29 -12.40 1.32
N LEU A 68 10.78 -13.56 0.92
CA LEU A 68 11.01 -14.03 -0.42
C LEU A 68 10.68 -12.96 -1.50
N ALA A 69 9.58 -12.24 -1.35
CA ALA A 69 9.19 -11.24 -2.35
C ALA A 69 10.28 -10.17 -2.56
N ALA A 70 10.79 -9.65 -1.47
CA ALA A 70 11.89 -8.69 -1.52
C ALA A 70 13.16 -9.34 -2.08
N ARG A 71 13.40 -10.61 -1.75
CA ARG A 71 14.64 -11.31 -2.13
C ARG A 71 14.67 -11.59 -3.66
N VAL A 72 13.50 -11.73 -4.29
CA VAL A 72 13.40 -11.82 -5.76
C VAL A 72 13.35 -10.46 -6.48
N GLY A 73 13.34 -9.39 -5.69
CA GLY A 73 13.37 -8.02 -6.20
C GLY A 73 12.03 -7.32 -6.42
N LEU A 74 10.96 -7.86 -5.85
CA LEU A 74 9.68 -7.20 -5.99
C LEU A 74 9.58 -5.98 -5.08
N SER A 75 9.14 -4.87 -5.65
CA SER A 75 8.94 -3.65 -4.84
C SER A 75 7.80 -2.84 -5.44
N ILE A 76 7.64 -1.61 -4.94
CA ILE A 76 6.53 -0.75 -5.37
C ILE A 76 7.18 0.55 -5.83
N VAL A 77 6.85 1.00 -7.03
CA VAL A 77 7.47 2.19 -7.63
C VAL A 77 7.37 3.42 -6.74
N ASN A 78 6.17 3.68 -6.26
CA ASN A 78 5.86 4.87 -5.48
C ASN A 78 5.77 4.56 -3.96
N SER A 79 6.56 3.60 -3.48
CA SER A 79 6.45 3.22 -2.08
C SER A 79 6.86 4.38 -1.17
N PRO A 80 6.13 4.59 -0.07
CA PRO A 80 4.90 3.87 0.30
C PRO A 80 3.72 4.46 -0.43
N GLY A 81 2.85 3.59 -0.93
CA GLY A 81 1.61 4.07 -1.53
C GLY A 81 0.70 4.61 -0.44
N THR A 82 -0.06 5.65 -0.76
CA THR A 82 -0.97 6.23 0.24
C THR A 82 -2.41 6.11 -0.22
N ILE A 83 -3.29 5.86 0.73
CA ILE A 83 -4.73 5.77 0.52
C ILE A 83 -5.37 6.76 1.49
N ASP A 84 -6.06 7.75 0.93
CA ASP A 84 -6.74 8.81 1.69
C ASP A 84 -8.10 8.34 2.18
N ALA A 85 -8.60 8.94 3.27
CA ALA A 85 -9.99 8.76 3.67
C ALA A 85 -10.99 8.99 2.53
N GLY A 86 -10.66 9.90 1.61
CA GLY A 86 -11.55 10.06 0.42
C GLY A 86 -11.78 8.84 -0.49
N TYR A 87 -10.78 7.96 -0.55
CA TYR A 87 -10.63 7.08 -1.70
C TYR A 87 -11.25 5.71 -1.44
N ARG A 88 -12.33 5.40 -2.15
CA ARG A 88 -13.05 4.16 -1.95
C ARG A 88 -13.10 3.28 -3.20
N GLY A 89 -12.20 3.58 -4.15
CA GLY A 89 -11.96 2.75 -5.33
C GLY A 89 -11.08 1.55 -5.02
N GLU A 90 -10.82 0.75 -6.04
CA GLU A 90 -9.95 -0.40 -5.87
C GLU A 90 -8.52 0.06 -5.53
N VAL A 91 -7.90 -0.63 -4.59
CA VAL A 91 -6.48 -0.43 -4.27
C VAL A 91 -5.66 -1.14 -5.34
N LYS A 92 -4.83 -0.37 -6.03
CA LYS A 92 -3.98 -0.91 -7.10
C LYS A 92 -2.53 -0.61 -6.75
N VAL A 93 -1.64 -1.54 -7.06
CA VAL A 93 -0.25 -1.44 -6.64
C VAL A 93 0.65 -1.38 -7.88
N ASN A 94 1.49 -0.36 -7.94
CA ASN A 94 2.47 -0.18 -9.02
CA ASN A 94 2.44 -0.21 -9.03
C ASN A 94 3.70 -1.02 -8.73
N LEU A 95 3.72 -2.26 -9.18
CA LEU A 95 4.80 -3.20 -8.83
C LEU A 95 5.95 -3.05 -9.81
N ILE A 96 7.17 -3.20 -9.33
CA ILE A 96 8.36 -3.18 -10.15
C ILE A 96 9.23 -4.42 -9.81
N ASN A 97 9.85 -4.95 -10.86
CA ASN A 97 10.87 -5.98 -10.71
C ASN A 97 12.25 -5.34 -10.73
N LEU A 98 12.86 -5.22 -9.55
CA LEU A 98 14.20 -4.64 -9.45
C LEU A 98 15.34 -5.58 -9.76
N ASP A 99 15.04 -6.83 -10.10
CA ASP A 99 16.11 -7.73 -10.56
C ASP A 99 16.46 -7.41 -11.99
N SER A 100 17.75 -7.60 -12.33
CA SER A 100 18.31 -7.28 -13.64
CA SER A 100 18.26 -7.27 -13.67
C SER A 100 18.13 -8.40 -14.69
N GLU A 101 17.85 -9.62 -14.23
CA GLU A 101 17.82 -10.80 -15.12
C GLU A 101 16.66 -11.76 -15.02
N VAL A 102 16.01 -11.82 -13.87
CA VAL A 102 15.07 -12.90 -13.61
C VAL A 102 13.64 -12.33 -13.53
N PRO A 103 12.71 -12.78 -14.41
CA PRO A 103 11.32 -12.30 -14.29
C PRO A 103 10.66 -12.76 -12.99
N ILE A 104 9.69 -11.99 -12.52
CA ILE A 104 8.88 -12.34 -11.34
C ILE A 104 7.50 -12.78 -11.81
N VAL A 105 7.17 -14.02 -11.54
CA VAL A 105 5.85 -14.60 -11.83
C VAL A 105 4.97 -14.37 -10.64
N ILE A 106 3.83 -13.76 -10.89
CA ILE A 106 2.80 -13.53 -9.88
C ILE A 106 1.52 -14.23 -10.27
N ALA A 107 1.05 -15.10 -9.39
CA ALA A 107 -0.21 -15.76 -9.60
C ALA A 107 -1.33 -15.00 -8.92
N ARG A 108 -2.52 -15.04 -9.50
CA ARG A 108 -3.72 -14.55 -8.83
C ARG A 108 -3.80 -15.21 -7.46
N GLY A 109 -4.02 -14.39 -6.43
CA GLY A 109 -4.07 -14.83 -5.05
C GLY A 109 -2.76 -14.67 -4.29
N ASP A 110 -1.68 -14.37 -5.00
CA ASP A 110 -0.37 -14.19 -4.36
C ASP A 110 -0.33 -12.88 -3.58
N ARG A 111 0.31 -12.94 -2.43
CA ARG A 111 0.58 -11.72 -1.66
C ARG A 111 1.51 -10.80 -2.40
N ILE A 112 1.13 -9.52 -2.56
CA ILE A 112 1.94 -8.57 -3.34
C ILE A 112 2.24 -7.27 -2.60
N ALA A 113 1.65 -7.04 -1.43
CA ALA A 113 1.87 -5.77 -0.69
C ALA A 113 1.24 -5.93 0.68
N GLN A 114 1.52 -4.97 1.56
CA GLN A 114 0.84 -4.97 2.86
C GLN A 114 0.28 -3.61 3.13
N LEU A 115 -0.85 -3.58 3.85
CA LEU A 115 -1.54 -2.36 4.18
C LEU A 115 -1.39 -2.07 5.67
N LEU A 116 -0.83 -0.90 5.96
CA LEU A 116 -0.80 -0.32 7.31
C LEU A 116 -1.81 0.81 7.39
N VAL A 117 -2.27 1.08 8.61
CA VAL A 117 -3.15 2.22 8.88
C VAL A 117 -2.53 3.04 10.02
N GLN A 118 -2.42 4.34 9.82
CA GLN A 118 -1.91 5.25 10.87
C GLN A 118 -2.75 6.49 10.96
N GLN A 119 -2.73 7.10 12.12
CA GLN A 119 -3.10 8.48 12.23
C GLN A 119 -2.26 9.36 11.31
N VAL A 120 -2.80 10.47 10.84
CA VAL A 120 -2.05 11.44 10.05
C VAL A 120 -2.43 12.85 10.53
N GLU A 121 -1.45 13.75 10.55
CA GLU A 121 -1.73 15.17 10.83
C GLU A 121 -2.22 15.82 9.52
N LEU A 122 -3.16 16.74 9.65
CA LEU A 122 -3.71 17.48 8.50
C LEU A 122 -3.59 19.00 8.66
N PRO A 123 -2.35 19.50 8.82
CA PRO A 123 -2.21 20.94 9.02
C PRO A 123 -2.59 21.75 7.78
N GLU A 124 -3.13 22.96 8.00
CA GLU A 124 -3.22 23.94 6.93
C GLU A 124 -1.84 24.55 6.80
N LEU A 125 -1.32 24.61 5.56
CA LEU A 125 -0.03 25.23 5.30
C LEU A 125 -0.21 26.74 5.28
N VAL A 126 0.58 27.42 6.10
CA VAL A 126 0.48 28.86 6.31
C VAL A 126 1.83 29.45 5.93
N GLU A 127 1.83 30.32 4.93
CA GLU A 127 3.07 30.93 4.47
C GLU A 127 3.57 31.95 5.49
N VAL A 128 4.88 31.91 5.72
CA VAL A 128 5.60 32.92 6.50
C VAL A 128 6.78 33.41 5.67
N ASP A 129 7.27 34.62 5.96
CA ASP A 129 8.43 35.12 5.20
C ASP A 129 9.76 34.53 5.69
N SER A 130 9.78 34.07 6.94
CA SER A 130 10.92 33.42 7.56
C SER A 130 10.40 32.73 8.80
N PHE A 131 11.24 31.95 9.47
CA PHE A 131 10.81 31.21 10.66
C PHE A 131 10.94 32.00 11.96
N ASP A 132 11.21 33.31 11.84
CA ASP A 132 11.23 34.22 12.98
CA ASP A 132 11.22 34.19 13.03
C ASP A 132 9.80 34.66 13.37
N GLU A 133 8.96 33.67 13.69
CA GLU A 133 7.55 33.85 14.05
C GLU A 133 7.26 33.11 15.34
N ALA A 134 6.35 33.67 16.13
CA ALA A 134 5.77 33.00 17.28
C ALA A 134 5.11 31.67 16.89
N GLY A 135 5.07 30.72 17.85
CA GLY A 135 4.37 29.44 17.68
C GLY A 135 5.17 28.31 17.02
N LEU A 136 6.47 28.51 16.86
CA LEU A 136 7.34 27.55 16.18
C LEU A 136 8.33 26.93 17.15
N ALA A 137 8.69 25.67 16.85
CA ALA A 137 9.64 24.92 17.67
C ALA A 137 10.95 25.69 17.86
N VAL A 138 11.47 25.67 19.09
CA VAL A 138 12.82 26.16 19.41
C VAL A 138 13.70 24.94 19.77
#